data_6EJ5
#
_entry.id   6EJ5
#
_cell.length_a   146.852
_cell.length_b   146.852
_cell.length_c   146.852
_cell.angle_alpha   90.00
_cell.angle_beta   90.00
_cell.angle_gamma   90.00
#
_symmetry.space_group_name_H-M   'P 21 3'
#
loop_
_entity.id
_entity.type
_entity.pdbx_description
1 polymer 'Regulator of nonsense transcripts 1'
2 water water
#
_entity_poly.entity_id   1
_entity_poly.type   'polypeptide(L)'
_entity_poly.pdbx_seq_one_letter_code
;GAADSMRYEDAYQYQNIFGPLVKLEADYDKKLKESQTQDNITVRWDLGLNKKRIAYFTLPKTDSGNEDLVIIWLRDMRLM
QGDEICLRYKGDLAPLWKGIGHVIKVPDNYGDEIAIELRSSVGAPVEVTHNFQVDFVWKSTSFDRMQSALKTFAVDETSV
SGYIYHKLLGHEVEDVIIKCQLPKRFTAQGLPDLNHSQVYAVKTVLQRPLSLIQGPPGTGKTVTSATIVYHLARQGNGPV
LVCAPSNIAVDQLTEKIHQTGLKVVRLCAKSREAIDSPVSFLALHNQIRNMDSMPELQKLQQLKDETGELSSADEKRYRA
LKRTAERELLMNADVICCTCVGAGDPRLAKMQFRSILIDESTQATEPECMVPVVLGAKQLILVGDHCQLGPVVMCKKAAK
AGLSQSLFERLVVLGIRPIRLQVQYRMHPALSAFPSNIFYEGSLQNGVTAADRVKKGFDFQWPQPDKPMFFYVTQGQEEI
ASSGTSYLNRTEAANVEKITTKLLKAGAKPDQIGIITPYEGQRSYLVQYMQFSGSLHTKLYQEVEIASVDAFQGREKDFI
ILSCVRANEHQGIGFLNDPRRLNVALTRARYGVIIVGNPKALSKQPLWNHLLNYYKEQKVLVEGPLNNLRESLMQFS
;
_entity_poly.pdbx_strand_id   A
#
# COMPACT_ATOMS: atom_id res chain seq x y z
N MET A 6 12.58 21.42 -6.07
CA MET A 6 12.37 22.77 -6.58
C MET A 6 11.68 23.66 -5.55
N ARG A 7 12.20 24.87 -5.38
CA ARG A 7 11.60 25.87 -4.51
C ARG A 7 10.66 26.77 -5.31
N TYR A 8 9.64 27.30 -4.63
CA TYR A 8 8.65 28.15 -5.27
C TYR A 8 8.53 29.45 -4.50
N GLU A 9 8.22 30.53 -5.23
CA GLU A 9 8.12 31.84 -4.61
C GLU A 9 6.74 32.08 -4.02
N ASP A 10 5.68 31.79 -4.78
CA ASP A 10 4.31 31.99 -4.33
C ASP A 10 3.56 30.67 -4.30
N ALA A 11 2.55 30.61 -3.43
CA ALA A 11 1.66 29.45 -3.42
C ALA A 11 0.91 29.35 -4.75
N TYR A 12 0.65 30.49 -5.39
CA TYR A 12 0.08 30.46 -6.73
C TYR A 12 1.04 29.80 -7.72
N GLN A 13 2.33 30.10 -7.59
CA GLN A 13 3.35 29.41 -8.39
C GLN A 13 3.34 27.92 -8.10
N TYR A 14 3.06 27.54 -6.85
CA TYR A 14 2.93 26.13 -6.51
C TYR A 14 1.74 25.51 -7.23
N GLN A 15 0.64 26.26 -7.34
CA GLN A 15 -0.54 25.75 -8.05
C GLN A 15 -0.35 25.82 -9.56
N ASN A 16 0.31 26.87 -10.05
CA ASN A 16 0.56 26.98 -11.49
C ASN A 16 1.49 25.89 -11.99
N ILE A 17 2.24 25.25 -11.09
CA ILE A 17 3.16 24.20 -11.50
C ILE A 17 2.50 22.83 -11.41
N PHE A 18 1.82 22.55 -10.29
CA PHE A 18 1.18 21.26 -10.08
C PHE A 18 -0.21 21.17 -10.70
N GLY A 19 -0.86 22.30 -10.98
CA GLY A 19 -2.14 22.31 -11.65
C GLY A 19 -2.14 21.51 -12.93
N PRO A 20 -1.29 21.90 -13.90
CA PRO A 20 -1.25 21.14 -15.16
C PRO A 20 -0.72 19.73 -15.00
N LEU A 21 0.11 19.48 -13.98
CA LEU A 21 0.66 18.13 -13.80
C LEU A 21 -0.44 17.13 -13.44
N VAL A 22 -1.40 17.54 -12.60
CA VAL A 22 -2.48 16.64 -12.22
C VAL A 22 -3.40 16.40 -13.41
N LYS A 23 -3.66 17.43 -14.20
CA LYS A 23 -4.54 17.29 -15.35
C LYS A 23 -4.01 16.28 -16.36
N LEU A 24 -2.68 16.21 -16.51
CA LEU A 24 -2.09 15.22 -17.43
C LEU A 24 -2.36 13.80 -16.94
N GLU A 25 -2.04 13.53 -15.67
CA GLU A 25 -2.31 12.21 -15.11
C GLU A 25 -3.81 11.91 -15.10
N ALA A 26 -4.63 12.91 -14.80
CA ALA A 26 -6.07 12.71 -14.79
C ALA A 26 -6.60 12.37 -16.18
N ASP A 27 -6.21 13.16 -17.19
CA ASP A 27 -6.66 12.89 -18.55
C ASP A 27 -6.12 11.55 -19.04
N TYR A 28 -4.91 11.17 -18.64
CA TYR A 28 -4.36 9.89 -19.04
C TYR A 28 -4.97 8.73 -18.26
N ASP A 29 -5.26 8.94 -16.97
CA ASP A 29 -5.99 7.92 -16.22
C ASP A 29 -7.41 7.75 -16.74
N LYS A 30 -7.98 8.83 -17.29
CA LYS A 30 -9.30 8.73 -17.91
C LYS A 30 -9.28 7.94 -19.21
N LYS A 31 -8.09 7.72 -19.79
CA LYS A 31 -8.00 6.94 -21.02
C LYS A 31 -7.77 5.46 -20.71
N LEU A 32 -6.90 5.16 -19.74
CA LEU A 32 -6.61 3.77 -19.40
C LEU A 32 -7.80 3.05 -18.78
N LYS A 33 -8.80 3.78 -18.30
CA LYS A 33 -9.97 3.15 -17.69
C LYS A 33 -11.08 2.91 -18.71
N GLU A 34 -11.31 3.86 -19.61
CA GLU A 34 -12.37 3.70 -20.60
C GLU A 34 -11.95 2.77 -21.73
N SER A 35 -10.68 2.84 -22.13
CA SER A 35 -10.21 2.00 -23.23
C SER A 35 -10.03 0.55 -22.78
N GLN A 36 -9.29 0.34 -21.70
CA GLN A 36 -9.02 -1.01 -21.23
C GLN A 36 -10.30 -1.67 -20.73
N THR A 37 -10.45 -2.96 -21.03
CA THR A 37 -11.60 -3.74 -20.62
C THR A 37 -11.27 -5.22 -20.80
N GLN A 38 -12.01 -6.06 -20.08
CA GLN A 38 -11.89 -7.52 -20.20
C GLN A 38 -12.87 -7.99 -21.26
N ASP A 39 -12.33 -8.58 -22.33
CA ASP A 39 -13.18 -9.00 -23.44
C ASP A 39 -14.10 -10.16 -23.06
N ASN A 40 -13.56 -11.15 -22.35
CA ASN A 40 -14.33 -12.30 -21.91
C ASN A 40 -13.86 -12.70 -20.52
N ILE A 41 -14.76 -12.60 -19.53
CA ILE A 41 -14.43 -12.90 -18.15
C ILE A 41 -15.48 -13.85 -17.59
N THR A 42 -15.09 -14.59 -16.55
CA THR A 42 -15.98 -15.48 -15.84
C THR A 42 -16.20 -14.98 -14.42
N VAL A 43 -17.41 -15.18 -13.91
CA VAL A 43 -17.81 -14.66 -12.60
C VAL A 43 -18.41 -15.78 -11.77
N ARG A 44 -18.64 -15.49 -10.50
CA ARG A 44 -19.26 -16.43 -9.57
C ARG A 44 -20.13 -15.64 -8.60
N TRP A 45 -21.43 -15.91 -8.60
CA TRP A 45 -22.38 -15.16 -7.80
C TRP A 45 -22.45 -15.73 -6.38
N ASP A 46 -22.90 -14.88 -5.46
CA ASP A 46 -23.06 -15.27 -4.07
C ASP A 46 -24.07 -14.33 -3.41
N LEU A 47 -24.98 -14.92 -2.63
CA LEU A 47 -25.98 -14.11 -1.92
C LEU A 47 -25.30 -13.22 -0.90
N GLY A 48 -25.62 -11.92 -0.96
CA GLY A 48 -24.92 -10.96 -0.14
C GLY A 48 -25.40 -10.95 1.29
N LEU A 49 -24.67 -10.21 2.14
CA LEU A 49 -25.06 -10.08 3.54
C LEU A 49 -26.37 -9.33 3.68
N ASN A 50 -26.48 -8.16 3.05
CA ASN A 50 -27.72 -7.39 3.06
C ASN A 50 -28.71 -7.82 1.99
N LYS A 51 -28.67 -9.09 1.57
CA LYS A 51 -29.47 -9.66 0.48
C LYS A 51 -29.18 -8.98 -0.86
N LYS A 52 -28.09 -8.22 -0.95
CA LYS A 52 -27.69 -7.56 -2.18
C LYS A 52 -26.69 -8.43 -2.93
N ARG A 53 -26.94 -8.65 -4.22
CA ARG A 53 -26.10 -9.54 -5.02
C ARG A 53 -24.64 -9.10 -4.99
N ILE A 54 -23.76 -10.05 -4.70
CA ILE A 54 -22.32 -9.82 -4.68
C ILE A 54 -21.67 -10.73 -5.72
N ALA A 55 -20.87 -10.14 -6.60
CA ALA A 55 -20.31 -10.84 -7.75
C ALA A 55 -18.81 -11.04 -7.56
N TYR A 56 -18.36 -12.28 -7.81
CA TYR A 56 -16.95 -12.65 -7.70
C TYR A 56 -16.42 -13.04 -9.07
N PHE A 57 -15.56 -12.20 -9.65
CA PHE A 57 -14.91 -12.56 -10.91
C PHE A 57 -13.40 -12.66 -10.68
N THR A 58 -12.76 -13.51 -11.48
CA THR A 58 -11.37 -13.91 -11.20
C THR A 58 -10.38 -13.05 -11.98
N LEU A 59 -10.65 -12.78 -13.25
CA LEU A 59 -9.73 -12.02 -14.09
C LEU A 59 -9.57 -10.59 -13.62
N ILE A 72 -3.11 -5.23 -23.25
CA ILE A 72 -2.70 -3.97 -22.61
C ILE A 72 -1.68 -4.24 -21.52
N TRP A 73 -1.87 -5.34 -20.79
CA TRP A 73 -1.00 -5.81 -19.72
C TRP A 73 -0.85 -4.82 -18.57
N LEU A 74 -1.66 -3.77 -18.60
CA LEU A 74 -1.61 -2.69 -17.62
C LEU A 74 -2.59 -2.83 -16.46
N ARG A 75 -3.25 -3.96 -16.34
CA ARG A 75 -4.20 -4.12 -15.24
C ARG A 75 -3.41 -3.90 -13.96
N ASP A 76 -3.97 -3.10 -13.06
CA ASP A 76 -3.26 -2.79 -11.82
C ASP A 76 -4.10 -2.74 -10.55
N MET A 77 -3.41 -2.92 -9.44
CA MET A 77 -3.96 -2.90 -8.10
C MET A 77 -4.45 -1.48 -7.81
N ARG A 78 -4.43 -0.63 -8.83
CA ARG A 78 -4.83 0.77 -8.71
C ARG A 78 -6.27 0.91 -8.24
N LEU A 79 -7.14 0.01 -8.67
CA LEU A 79 -8.52 0.12 -8.22
C LEU A 79 -8.58 0.02 -6.71
N MET A 80 -9.35 0.92 -6.10
CA MET A 80 -9.53 0.99 -4.66
C MET A 80 -10.85 0.33 -4.26
N GLN A 81 -11.19 0.46 -2.98
CA GLN A 81 -12.38 -0.22 -2.46
C GLN A 81 -13.67 0.43 -2.96
N GLY A 82 -13.73 1.76 -2.96
CA GLY A 82 -14.98 2.44 -3.25
C GLY A 82 -15.27 2.58 -4.73
N ASP A 83 -14.34 2.16 -5.59
CA ASP A 83 -14.54 2.29 -7.03
C ASP A 83 -15.67 1.37 -7.50
N GLU A 84 -16.32 1.77 -8.58
CA GLU A 84 -17.41 1.02 -9.16
C GLU A 84 -17.08 0.58 -10.58
N ILE A 85 -17.61 -0.58 -10.96
CA ILE A 85 -17.41 -1.15 -12.29
C ILE A 85 -18.75 -1.54 -12.86
N CYS A 86 -18.82 -1.59 -14.19
CA CYS A 86 -20.03 -1.96 -14.92
C CYS A 86 -19.80 -3.32 -15.56
N LEU A 87 -20.44 -4.35 -15.02
CA LEU A 87 -20.32 -5.70 -15.54
C LEU A 87 -21.44 -5.93 -16.55
N ARG A 88 -21.08 -5.95 -17.83
CA ARG A 88 -22.04 -6.19 -18.90
C ARG A 88 -22.00 -7.66 -19.29
N TYR A 89 -23.18 -8.27 -19.44
CA TYR A 89 -23.30 -9.67 -19.81
C TYR A 89 -23.69 -9.79 -21.28
N LYS A 90 -22.87 -10.49 -22.06
CA LYS A 90 -23.11 -10.69 -23.48
C LYS A 90 -23.13 -12.18 -23.83
N GLY A 91 -23.53 -13.02 -22.87
CA GLY A 91 -23.53 -14.45 -23.09
C GLY A 91 -24.58 -14.91 -24.09
N ASP A 92 -24.57 -16.21 -24.36
CA ASP A 92 -25.44 -16.81 -25.36
C ASP A 92 -26.60 -17.60 -24.77
N LEU A 93 -26.62 -17.83 -23.46
CA LEU A 93 -27.66 -18.63 -22.82
C LEU A 93 -28.68 -17.81 -22.07
N ALA A 94 -28.54 -16.49 -22.03
CA ALA A 94 -29.44 -15.62 -21.28
C ALA A 94 -29.51 -14.28 -22.00
N PRO A 95 -30.61 -13.55 -21.84
CA PRO A 95 -30.72 -12.24 -22.49
C PRO A 95 -29.67 -11.26 -21.98
N LEU A 96 -29.39 -10.25 -22.80
CA LEU A 96 -28.39 -9.26 -22.47
C LEU A 96 -28.77 -8.52 -21.18
N TRP A 97 -27.75 -8.15 -20.42
CA TRP A 97 -27.96 -7.52 -19.12
C TRP A 97 -26.76 -6.65 -18.77
N LYS A 98 -27.03 -5.49 -18.17
CA LYS A 98 -25.98 -4.56 -17.77
C LYS A 98 -26.31 -3.98 -16.41
N GLY A 99 -25.42 -4.22 -15.45
CA GLY A 99 -25.61 -3.72 -14.10
C GLY A 99 -24.31 -3.15 -13.56
N ILE A 100 -24.45 -2.10 -12.76
CA ILE A 100 -23.31 -1.44 -12.15
C ILE A 100 -23.19 -1.90 -10.70
N GLY A 101 -21.98 -1.82 -10.18
CA GLY A 101 -21.70 -2.23 -8.82
C GLY A 101 -20.40 -1.64 -8.33
N HIS A 102 -20.33 -1.39 -7.02
CA HIS A 102 -19.15 -0.83 -6.37
C HIS A 102 -18.27 -1.96 -5.86
N VAL A 103 -16.96 -1.76 -5.92
CA VAL A 103 -16.03 -2.79 -5.50
C VAL A 103 -16.15 -3.03 -3.99
N ILE A 104 -15.62 -4.16 -3.54
CA ILE A 104 -15.66 -4.54 -2.13
C ILE A 104 -14.27 -4.92 -1.62
N LYS A 105 -13.67 -5.96 -2.22
CA LYS A 105 -12.38 -6.49 -1.78
C LYS A 105 -11.51 -6.76 -3.00
N VAL A 106 -10.67 -5.78 -3.35
CA VAL A 106 -9.67 -5.94 -4.40
C VAL A 106 -8.48 -6.65 -3.78
N PRO A 107 -8.27 -7.94 -4.05
CA PRO A 107 -7.26 -8.70 -3.30
C PRO A 107 -5.86 -8.53 -3.84
N ASP A 108 -4.89 -9.13 -3.16
CA ASP A 108 -3.49 -9.17 -3.61
C ASP A 108 -3.06 -10.57 -4.00
N ASN A 109 -4.01 -11.46 -4.29
CA ASN A 109 -3.71 -12.85 -4.63
C ASN A 109 -4.06 -13.20 -6.07
N TYR A 110 -4.68 -12.29 -6.82
CA TYR A 110 -4.99 -12.49 -8.24
C TYR A 110 -5.85 -13.74 -8.45
N ILE A 114 -9.47 -13.04 -6.52
CA ILE A 114 -10.66 -12.73 -7.32
C ILE A 114 -11.30 -11.44 -6.82
N ALA A 115 -11.47 -10.48 -7.72
CA ALA A 115 -12.10 -9.22 -7.35
C ALA A 115 -13.58 -9.44 -7.00
N ILE A 116 -14.12 -8.51 -6.22
CA ILE A 116 -15.46 -8.64 -5.66
C ILE A 116 -16.16 -7.29 -5.72
N GLU A 117 -17.41 -7.31 -6.18
CA GLU A 117 -18.24 -6.10 -6.20
C GLU A 117 -19.70 -6.51 -6.07
N LEU A 118 -20.47 -5.69 -5.36
CA LEU A 118 -21.90 -5.91 -5.19
C LEU A 118 -22.67 -4.93 -6.06
N ARG A 119 -23.71 -5.43 -6.72
CA ARG A 119 -24.53 -4.58 -7.59
C ARG A 119 -25.50 -3.75 -6.77
N SER A 120 -25.98 -2.67 -7.37
CA SER A 120 -26.94 -1.81 -6.68
C SER A 120 -28.31 -2.48 -6.58
N SER A 121 -28.79 -3.05 -7.68
CA SER A 121 -30.09 -3.71 -7.74
C SER A 121 -29.92 -5.21 -7.60
N VAL A 122 -30.99 -5.89 -7.18
CA VAL A 122 -30.97 -7.33 -7.01
C VAL A 122 -31.50 -8.09 -8.22
N GLY A 123 -31.99 -7.36 -9.21
CA GLY A 123 -32.54 -7.97 -10.41
C GLY A 123 -31.49 -8.28 -11.47
N ALA A 124 -30.69 -9.31 -11.22
CA ALA A 124 -29.64 -9.69 -12.15
C ALA A 124 -29.56 -11.19 -12.35
N PRO A 125 -29.06 -11.60 -13.51
CA PRO A 125 -28.96 -13.01 -13.87
C PRO A 125 -27.95 -13.79 -13.03
N VAL A 126 -28.33 -14.97 -12.57
CA VAL A 126 -27.43 -15.80 -11.79
C VAL A 126 -27.11 -17.13 -12.48
N GLU A 127 -27.97 -17.53 -13.40
CA GLU A 127 -27.79 -18.80 -14.11
C GLU A 127 -26.54 -18.85 -14.97
N VAL A 128 -26.25 -17.75 -15.66
CA VAL A 128 -25.09 -17.65 -16.52
C VAL A 128 -23.89 -17.31 -15.65
N THR A 129 -22.81 -18.07 -15.78
CA THR A 129 -21.62 -17.82 -14.99
C THR A 129 -20.40 -17.49 -15.83
N HIS A 130 -20.54 -17.41 -17.16
CA HIS A 130 -19.41 -17.18 -18.05
C HIS A 130 -19.76 -16.09 -19.05
N ASN A 131 -18.82 -15.82 -19.95
CA ASN A 131 -19.02 -14.87 -21.06
C ASN A 131 -19.39 -13.48 -20.55
N PHE A 132 -18.70 -13.03 -19.50
CA PHE A 132 -18.92 -11.71 -18.94
C PHE A 132 -17.86 -10.73 -19.40
N GLN A 133 -18.23 -9.45 -19.41
CA GLN A 133 -17.34 -8.38 -19.81
C GLN A 133 -17.39 -7.29 -18.74
N VAL A 134 -16.24 -6.98 -18.15
CA VAL A 134 -16.13 -5.96 -17.12
C VAL A 134 -15.39 -4.77 -17.68
N ASP A 135 -15.91 -3.57 -17.42
CA ASP A 135 -15.29 -2.32 -17.84
C ASP A 135 -15.26 -1.37 -16.65
N PHE A 136 -14.12 -0.70 -16.47
CA PHE A 136 -13.90 0.18 -15.34
C PHE A 136 -14.51 1.55 -15.63
N VAL A 137 -15.56 1.90 -14.90
CA VAL A 137 -16.17 3.22 -15.03
C VAL A 137 -15.32 4.25 -14.30
N TRP A 138 -14.89 5.28 -15.02
CA TRP A 138 -13.99 6.28 -14.47
C TRP A 138 -14.76 7.41 -13.81
N LYS A 139 -14.27 7.84 -12.64
CA LYS A 139 -14.83 8.96 -11.90
C LYS A 139 -13.74 10.01 -11.71
N SER A 140 -14.11 11.29 -11.87
CA SER A 140 -13.15 12.37 -11.75
C SER A 140 -12.95 12.84 -10.32
N THR A 141 -13.65 12.23 -9.35
CA THR A 141 -13.65 12.76 -7.99
C THR A 141 -12.26 12.77 -7.36
N SER A 142 -11.42 11.79 -7.70
CA SER A 142 -10.09 11.70 -7.10
C SER A 142 -9.23 12.92 -7.46
N PHE A 143 -9.09 13.22 -8.74
CA PHE A 143 -8.26 14.34 -9.16
C PHE A 143 -8.93 15.68 -8.90
N ASP A 144 -10.27 15.72 -8.93
CA ASP A 144 -10.97 16.95 -8.59
C ASP A 144 -10.67 17.39 -7.16
N ARG A 145 -10.57 16.43 -6.24
CA ARG A 145 -10.15 16.73 -4.89
C ARG A 145 -8.68 17.13 -4.81
N MET A 146 -7.84 16.60 -5.69
CA MET A 146 -6.42 16.97 -5.71
C MET A 146 -6.19 18.39 -6.22
N GLN A 147 -7.03 18.88 -7.13
CA GLN A 147 -6.90 20.25 -7.60
C GLN A 147 -7.67 21.24 -6.73
N SER A 148 -8.69 20.78 -6.01
CA SER A 148 -9.35 21.64 -5.04
C SER A 148 -8.44 21.95 -3.86
N ALA A 149 -7.44 21.09 -3.61
CA ALA A 149 -6.47 21.34 -2.57
C ALA A 149 -5.35 22.26 -3.03
N LEU A 150 -4.99 22.19 -4.32
CA LEU A 150 -3.98 23.10 -4.86
C LEU A 150 -4.53 24.51 -4.99
N LYS A 151 -5.82 24.64 -5.33
CA LYS A 151 -6.44 25.96 -5.41
C LYS A 151 -6.58 26.57 -4.02
N THR A 152 -7.07 25.78 -3.06
CA THR A 152 -7.21 26.25 -1.69
C THR A 152 -5.87 26.44 -1.00
N PHE A 153 -4.78 25.93 -1.58
CA PHE A 153 -3.45 26.18 -1.05
C PHE A 153 -2.87 27.52 -1.48
N ALA A 154 -3.40 28.11 -2.56
CA ALA A 154 -2.93 29.39 -3.06
C ALA A 154 -3.85 30.55 -2.73
N VAL A 155 -5.17 30.32 -2.71
CA VAL A 155 -6.13 31.38 -2.45
C VAL A 155 -6.47 31.51 -0.96
N ASP A 156 -5.91 30.68 -0.10
CA ASP A 156 -6.22 30.69 1.32
C ASP A 156 -4.92 30.67 2.12
N GLU A 157 -4.70 31.73 2.90
CA GLU A 157 -3.51 31.85 3.73
C GLU A 157 -3.64 31.13 5.07
N THR A 158 -4.86 30.83 5.51
CA THR A 158 -5.11 30.11 6.75
C THR A 158 -5.16 28.60 6.57
N SER A 159 -5.01 28.11 5.34
CA SER A 159 -5.10 26.67 5.08
C SER A 159 -3.93 25.90 5.64
N VAL A 160 -2.88 26.60 6.08
CA VAL A 160 -1.61 26.00 6.47
C VAL A 160 -0.90 26.98 7.39
N SER A 161 -0.32 26.45 8.48
CA SER A 161 0.38 27.29 9.43
C SER A 161 1.46 28.11 8.75
N GLY A 162 1.69 29.31 9.29
CA GLY A 162 2.62 30.22 8.65
C GLY A 162 4.03 29.66 8.53
N TYR A 163 4.46 28.87 9.52
CA TYR A 163 5.80 28.28 9.46
C TYR A 163 5.92 27.26 8.34
N ILE A 164 5.17 26.16 8.44
CA ILE A 164 5.26 25.11 7.44
C ILE A 164 4.82 25.58 6.05
N TYR A 165 4.15 26.73 5.97
CA TYR A 165 3.89 27.37 4.69
C TYR A 165 5.19 27.70 3.98
N HIS A 166 6.21 28.15 4.73
CA HIS A 166 7.51 28.46 4.15
C HIS A 166 8.26 27.17 3.79
N LYS A 167 8.28 26.21 4.73
CA LYS A 167 9.00 24.97 4.49
C LYS A 167 8.45 24.20 3.30
N LEU A 168 7.14 24.31 3.04
CA LEU A 168 6.56 23.66 1.89
C LEU A 168 6.98 24.33 0.58
N LEU A 169 7.11 25.66 0.60
CA LEU A 169 7.51 26.42 -0.58
C LEU A 169 9.02 26.61 -0.67
N GLY A 170 9.77 25.94 0.20
CA GLY A 170 11.22 25.98 0.15
C GLY A 170 11.85 27.34 0.42
N HIS A 171 11.34 28.06 1.41
CA HIS A 171 11.90 29.34 1.81
C HIS A 171 12.91 29.15 2.94
N GLU A 172 13.63 30.23 3.25
CA GLU A 172 14.64 30.21 4.29
C GLU A 172 14.01 30.67 5.60
N VAL A 173 13.22 29.78 6.20
CA VAL A 173 12.59 30.01 7.50
C VAL A 173 13.42 29.34 8.57
N GLU A 174 13.62 30.03 9.69
CA GLU A 174 14.39 29.49 10.79
C GLU A 174 13.71 28.27 11.38
N ASP A 175 14.46 27.52 12.19
CA ASP A 175 13.97 26.30 12.83
C ASP A 175 13.39 26.66 14.19
N VAL A 176 12.12 26.34 14.40
CA VAL A 176 11.43 26.60 15.65
C VAL A 176 10.98 25.27 16.25
N ILE A 177 10.85 25.22 17.56
CA ILE A 177 10.41 24.02 18.25
C ILE A 177 9.44 24.33 19.35
N ILE A 178 8.66 23.36 19.78
CA ILE A 178 7.71 23.56 20.86
C ILE A 178 8.13 22.84 22.10
N LYS A 179 8.18 23.56 23.21
CA LYS A 179 8.62 23.01 24.48
C LYS A 179 7.55 22.55 25.44
N CYS A 180 7.93 21.68 26.36
CA CYS A 180 6.95 21.18 27.33
C CYS A 180 5.82 20.41 26.68
N GLN A 181 6.15 19.53 25.73
CA GLN A 181 5.18 18.66 25.09
C GLN A 181 5.47 17.18 25.32
N LEU A 182 6.68 16.84 25.75
CA LEU A 182 7.03 15.45 25.97
C LEU A 182 6.26 14.91 27.19
N PRO A 183 5.63 13.74 27.07
CA PRO A 183 4.89 13.17 28.20
C PRO A 183 5.79 12.48 29.21
N LYS A 184 5.19 11.95 30.28
CA LYS A 184 5.97 11.22 31.28
C LYS A 184 6.44 9.89 30.72
N ARG A 185 5.52 9.07 30.23
CA ARG A 185 5.83 7.77 29.64
C ARG A 185 5.51 7.82 28.15
N PHE A 186 6.55 7.75 27.32
CA PHE A 186 6.35 7.77 25.87
C PHE A 186 5.53 6.57 25.41
N THR A 187 5.72 5.43 26.08
CA THR A 187 4.92 4.25 25.76
C THR A 187 3.44 4.52 25.99
N ALA A 188 2.64 4.22 24.98
CA ALA A 188 1.21 4.53 25.02
C ALA A 188 0.43 3.44 25.72
N GLN A 189 -0.79 3.80 26.14
CA GLN A 189 -1.69 2.85 26.77
C GLN A 189 -2.15 1.81 25.76
N GLY A 190 -2.11 0.54 26.14
CA GLY A 190 -2.55 -0.51 25.25
C GLY A 190 -1.67 -0.72 24.04
N LEU A 191 -0.41 -0.30 24.13
CA LEU A 191 0.57 -0.46 23.07
C LEU A 191 1.89 -0.89 23.68
N PRO A 192 2.70 -1.65 22.94
CA PRO A 192 4.00 -2.08 23.45
C PRO A 192 4.92 -0.90 23.69
N ASP A 193 6.01 -1.16 24.42
CA ASP A 193 7.01 -0.15 24.66
C ASP A 193 7.81 0.13 23.39
N LEU A 194 8.36 1.34 23.31
CA LEU A 194 9.17 1.78 22.17
C LEU A 194 10.68 1.56 22.29
N ASN A 195 11.32 1.28 21.15
CA ASN A 195 12.77 1.06 21.06
C ASN A 195 13.57 2.35 21.20
N HIS A 196 14.86 2.23 21.54
CA HIS A 196 15.69 3.43 21.71
C HIS A 196 15.41 4.45 20.61
N SER A 197 15.24 3.98 19.37
CA SER A 197 15.05 4.90 18.26
C SER A 197 13.63 5.45 18.19
N GLN A 198 12.62 4.59 18.36
CA GLN A 198 11.23 5.04 18.26
C GLN A 198 10.87 6.08 19.31
N VAL A 199 11.45 5.98 20.51
CA VAL A 199 11.23 7.00 21.52
C VAL A 199 11.83 8.33 21.10
N TYR A 200 12.97 8.29 20.39
CA TYR A 200 13.57 9.52 19.89
C TYR A 200 12.69 10.19 18.84
N ALA A 201 12.15 9.40 17.92
CA ALA A 201 11.22 9.93 16.92
C ALA A 201 9.96 10.50 17.52
N VAL A 202 9.48 9.95 18.64
CA VAL A 202 8.33 10.54 19.33
C VAL A 202 8.73 11.85 20.00
N LYS A 203 9.92 11.91 20.59
CA LYS A 203 10.39 13.15 21.20
C LYS A 203 10.66 14.22 20.15
N THR A 204 11.34 13.85 19.06
CA THR A 204 11.72 14.81 18.03
C THR A 204 10.54 15.35 17.24
N VAL A 205 9.55 14.51 16.92
CA VAL A 205 8.42 14.95 16.13
C VAL A 205 7.40 15.74 16.96
N LEU A 206 7.21 15.36 18.23
CA LEU A 206 6.26 16.06 19.08
C LEU A 206 6.76 17.44 19.49
N GLN A 207 8.04 17.73 19.26
CA GLN A 207 8.65 18.99 19.68
C GLN A 207 8.64 20.07 18.61
N ARG A 208 8.41 19.70 17.35
CA ARG A 208 8.45 20.63 16.23
C ARG A 208 7.22 20.43 15.37
N PRO A 209 6.79 21.48 14.64
CA PRO A 209 5.59 21.33 13.82
C PRO A 209 5.75 20.38 12.64
N LEU A 210 6.70 20.65 11.74
CA LEU A 210 6.90 19.83 10.54
C LEU A 210 8.04 18.86 10.78
N SER A 211 7.71 17.57 10.83
CA SER A 211 8.70 16.51 11.00
C SER A 211 8.52 15.47 9.91
N LEU A 212 9.61 14.77 9.60
CA LEU A 212 9.59 13.67 8.65
C LEU A 212 10.15 12.44 9.33
N ILE A 213 9.43 11.32 9.24
CA ILE A 213 9.84 10.06 9.84
C ILE A 213 10.11 9.06 8.73
N GLN A 214 11.28 8.46 8.74
CA GLN A 214 11.62 7.50 7.71
C GLN A 214 11.53 6.16 8.36
N GLY A 215 10.59 5.35 7.88
CA GLY A 215 10.45 4.04 8.45
C GLY A 215 10.80 2.94 7.49
N PRO A 216 11.95 2.35 7.72
CA PRO A 216 12.40 1.21 6.91
C PRO A 216 11.66 -0.06 7.30
N PRO A 217 11.73 -1.11 6.48
CA PRO A 217 11.03 -2.35 6.81
C PRO A 217 11.43 -2.89 8.17
N GLY A 218 10.46 -3.35 8.93
CA GLY A 218 10.70 -3.89 10.25
C GLY A 218 10.70 -2.79 11.28
N THR A 219 10.79 -1.56 10.79
CA THR A 219 10.74 -0.40 11.66
C THR A 219 9.27 -0.38 11.97
N GLY A 220 8.88 0.08 13.15
CA GLY A 220 7.46 0.09 13.45
C GLY A 220 6.77 1.33 12.99
N LYS A 221 6.16 1.29 11.81
CA LYS A 221 5.43 2.46 11.34
C LYS A 221 4.13 2.67 12.09
N THR A 222 3.40 1.59 12.34
CA THR A 222 2.11 1.71 13.01
C THR A 222 2.24 1.98 14.51
N VAL A 223 3.21 1.35 15.18
CA VAL A 223 3.38 1.56 16.61
C VAL A 223 3.92 2.96 16.88
N THR A 224 5.02 3.32 16.22
CA THR A 224 5.66 4.61 16.43
C THR A 224 4.80 5.76 15.91
N SER A 225 3.77 5.45 15.12
CA SER A 225 2.82 6.44 14.65
C SER A 225 1.59 6.55 15.54
N ALA A 226 1.00 5.43 15.94
CA ALA A 226 -0.12 5.47 16.87
C ALA A 226 0.30 6.06 18.22
N THR A 227 1.54 5.82 18.63
CA THR A 227 2.04 6.41 19.87
C THR A 227 2.09 7.93 19.78
N ILE A 228 2.55 8.46 18.64
CA ILE A 228 2.57 9.90 18.45
C ILE A 228 1.16 10.48 18.50
N VAL A 229 0.23 9.88 17.76
CA VAL A 229 -1.14 10.38 17.71
C VAL A 229 -1.82 10.26 19.07
N TYR A 230 -1.46 9.25 19.87
CA TYR A 230 -2.02 9.12 21.22
C TYR A 230 -1.66 10.32 22.10
N HIS A 231 -0.56 11.00 21.80
CA HIS A 231 -0.16 12.19 22.55
C HIS A 231 -0.63 13.48 21.90
N LEU A 232 -0.62 13.55 20.57
CA LEU A 232 -1.18 14.70 19.88
C LEU A 232 -2.69 14.84 20.11
N ALA A 233 -3.36 13.75 20.49
CA ALA A 233 -4.77 13.82 20.85
C ALA A 233 -4.99 14.11 22.33
N ARG A 234 -4.14 13.60 23.21
CA ARG A 234 -4.23 13.91 24.63
C ARG A 234 -3.77 15.32 24.95
N GLN A 235 -2.75 15.83 24.25
CA GLN A 235 -2.27 17.19 24.44
C GLN A 235 -2.99 18.19 23.53
N GLY A 236 -4.12 17.81 22.96
CA GLY A 236 -4.87 18.70 22.09
C GLY A 236 -6.35 18.64 22.42
N ASN A 237 -7.04 19.73 22.06
CA ASN A 237 -8.48 19.87 22.32
C ASN A 237 -9.31 19.77 21.05
N GLY A 238 -8.86 18.99 20.07
CA GLY A 238 -9.58 18.84 18.82
C GLY A 238 -9.28 17.52 18.14
N PRO A 239 -10.04 17.19 17.10
CA PRO A 239 -9.79 15.96 16.34
C PRO A 239 -8.43 15.98 15.67
N VAL A 240 -7.87 14.78 15.49
CA VAL A 240 -6.56 14.60 14.88
C VAL A 240 -6.75 13.84 13.57
N LEU A 241 -6.10 14.33 12.51
CA LEU A 241 -6.22 13.71 11.18
C LEU A 241 -5.11 12.70 10.97
N VAL A 242 -5.50 11.48 10.59
CA VAL A 242 -4.56 10.43 10.21
C VAL A 242 -4.91 9.96 8.81
N CYS A 243 -3.94 10.01 7.89
CA CYS A 243 -4.20 9.73 6.49
C CYS A 243 -3.15 8.78 5.96
N ALA A 244 -3.48 8.15 4.82
CA ALA A 244 -2.60 7.21 4.15
C ALA A 244 -3.07 7.05 2.71
N PRO A 245 -2.14 6.94 1.75
CA PRO A 245 -2.56 6.81 0.35
C PRO A 245 -3.31 5.53 0.08
N SER A 246 -2.75 4.39 0.50
CA SER A 246 -3.43 3.12 0.35
C SER A 246 -4.55 3.00 1.38
N ASN A 247 -5.70 2.49 0.92
CA ASN A 247 -6.87 2.35 1.80
C ASN A 247 -6.67 1.31 2.89
N ILE A 248 -5.57 0.56 2.86
CA ILE A 248 -5.29 -0.45 3.87
C ILE A 248 -4.50 0.11 5.03
N ALA A 249 -3.51 0.97 4.76
CA ALA A 249 -2.69 1.54 5.83
C ALA A 249 -3.53 2.39 6.79
N VAL A 250 -4.54 3.08 6.27
CA VAL A 250 -5.45 3.81 7.14
C VAL A 250 -6.16 2.86 8.09
N ASP A 251 -6.50 1.66 7.63
CA ASP A 251 -7.10 0.64 8.49
C ASP A 251 -6.13 0.08 9.51
N GLN A 252 -4.84 -0.07 9.17
CA GLN A 252 -3.86 -0.54 10.14
C GLN A 252 -3.68 0.44 11.29
N LEU A 253 -3.63 1.74 10.99
CA LEU A 253 -3.45 2.73 12.04
C LEU A 253 -4.68 2.84 12.93
N THR A 254 -5.88 2.74 12.35
CA THR A 254 -7.10 2.72 13.17
C THR A 254 -7.02 1.63 14.23
N GLU A 255 -6.71 0.40 13.81
CA GLU A 255 -6.63 -0.71 14.75
C GLU A 255 -5.56 -0.49 15.80
N LYS A 256 -4.42 0.10 15.42
CA LYS A 256 -3.38 0.40 16.38
C LYS A 256 -3.79 1.55 17.30
N ILE A 257 -4.32 2.64 16.73
CA ILE A 257 -4.72 3.79 17.53
C ILE A 257 -5.90 3.41 18.43
N HIS A 258 -6.80 2.55 17.94
CA HIS A 258 -7.94 2.12 18.73
C HIS A 258 -7.52 1.34 19.97
N GLN A 259 -6.34 0.71 19.95
CA GLN A 259 -5.85 -0.01 21.12
C GLN A 259 -5.46 0.91 22.26
N THR A 260 -5.49 2.22 22.06
CA THR A 260 -5.11 3.17 23.11
C THR A 260 -6.30 3.63 23.95
N GLY A 261 -7.52 3.45 23.46
CA GLY A 261 -8.71 3.90 24.15
C GLY A 261 -9.32 5.18 23.59
N LEU A 262 -8.66 5.84 22.65
CA LEU A 262 -9.17 7.06 22.06
C LEU A 262 -10.42 6.79 21.23
N LYS A 263 -11.13 7.85 20.89
CA LYS A 263 -12.32 7.77 20.04
C LYS A 263 -11.89 7.95 18.60
N VAL A 264 -11.89 6.84 17.84
CA VAL A 264 -11.43 6.83 16.46
C VAL A 264 -12.66 6.65 15.56
N VAL A 265 -12.66 7.36 14.43
CA VAL A 265 -13.74 7.28 13.45
C VAL A 265 -13.11 7.11 12.07
N ARG A 266 -13.36 5.97 11.43
CA ARG A 266 -12.94 5.76 10.05
C ARG A 266 -13.95 6.41 9.10
N LEU A 267 -13.43 7.05 8.06
CA LEU A 267 -14.27 7.77 7.11
C LEU A 267 -14.21 7.05 5.76
N CYS A 268 -15.18 6.18 5.52
CA CYS A 268 -15.24 5.46 4.26
C CYS A 268 -16.22 6.24 3.41
N ALA A 269 -15.81 6.62 2.20
CA ALA A 269 -16.70 7.38 1.34
C ALA A 269 -17.15 6.58 0.14
N LYS A 270 -18.46 6.42 0.01
CA LYS A 270 -19.05 5.69 -1.10
C LYS A 270 -18.94 4.19 -0.92
N SER A 271 -18.40 3.76 0.21
CA SER A 271 -18.27 2.32 0.48
C SER A 271 -19.49 1.94 1.28
N ARG A 272 -20.63 1.94 0.59
CA ARG A 272 -21.90 1.60 1.21
C ARG A 272 -22.28 0.18 0.84
N GLU A 273 -22.16 -0.74 1.79
CA GLU A 273 -22.46 -2.15 1.54
C GLU A 273 -23.49 -2.66 2.53
N PRO A 278 -10.43 -5.13 7.99
CA PRO A 278 -11.41 -4.99 9.06
C PRO A 278 -11.87 -3.55 9.25
N VAL A 279 -11.88 -3.08 10.50
CA VAL A 279 -12.25 -1.72 10.87
C VAL A 279 -13.63 -1.40 10.30
N SER A 280 -14.53 -2.39 10.32
CA SER A 280 -15.91 -2.17 9.92
C SER A 280 -16.77 -1.68 11.08
N PHE A 281 -16.26 -1.76 12.31
CA PHE A 281 -16.96 -1.24 13.49
C PHE A 281 -16.54 0.18 13.85
N LEU A 282 -15.33 0.60 13.46
CA LEU A 282 -14.91 1.98 13.63
C LEU A 282 -15.36 2.88 12.48
N ALA A 283 -15.87 2.29 11.39
CA ALA A 283 -16.36 3.08 10.28
C ALA A 283 -17.49 4.00 10.73
N LEU A 284 -17.56 5.17 10.10
CA LEU A 284 -18.52 6.18 10.52
C LEU A 284 -19.96 5.76 10.22
N HIS A 285 -20.20 5.21 9.03
CA HIS A 285 -21.56 4.88 8.63
C HIS A 285 -22.14 3.75 9.49
N ASN A 286 -21.29 3.05 10.23
CA ASN A 286 -21.79 2.03 11.15
C ASN A 286 -22.06 2.60 12.54
N GLN A 287 -21.26 3.59 12.95
CA GLN A 287 -21.51 4.23 14.23
C GLN A 287 -22.82 5.02 14.20
N ILE A 288 -23.06 5.76 13.12
CA ILE A 288 -24.29 6.54 12.99
C ILE A 288 -25.48 5.61 12.77
N ARG A 289 -25.23 4.33 12.51
CA ARG A 289 -26.33 3.39 12.25
C ARG A 289 -27.12 3.12 13.52
N ASN A 290 -26.44 2.77 14.61
CA ASN A 290 -27.08 2.47 15.88
C ASN A 290 -26.57 3.44 16.94
N MET A 291 -27.24 4.59 17.05
CA MET A 291 -26.87 5.61 18.03
C MET A 291 -27.95 5.71 19.10
N ASP A 292 -27.51 5.81 20.36
CA ASP A 292 -28.44 6.06 21.45
C ASP A 292 -28.82 7.54 21.55
N SER A 293 -28.05 8.43 20.92
CA SER A 293 -28.33 9.84 20.92
C SER A 293 -29.21 10.28 19.76
N MET A 294 -29.58 9.37 18.87
CA MET A 294 -30.44 9.67 17.73
C MET A 294 -31.55 8.62 17.67
N PRO A 295 -32.53 8.70 18.58
CA PRO A 295 -33.57 7.66 18.60
C PRO A 295 -34.45 7.67 17.37
N GLU A 296 -34.85 8.85 16.87
CA GLU A 296 -35.61 8.90 15.63
C GLU A 296 -34.82 8.28 14.48
N LEU A 297 -33.54 8.57 14.37
CA LEU A 297 -32.69 7.89 13.41
C LEU A 297 -32.58 6.41 13.72
N GLN A 298 -32.43 6.06 15.00
CA GLN A 298 -32.37 4.66 15.38
C GLN A 298 -33.65 3.91 15.01
N LYS A 299 -34.80 4.52 15.31
CA LYS A 299 -36.07 3.96 14.86
C LYS A 299 -36.25 4.05 13.34
N LEU A 300 -35.50 4.92 12.67
CA LEU A 300 -35.56 5.01 11.22
C LEU A 300 -34.53 4.10 10.54
N GLN A 301 -33.33 3.96 11.11
CA GLN A 301 -32.39 2.98 10.58
C GLN A 301 -32.98 1.57 10.62
N GLN A 302 -33.73 1.26 11.67
CA GLN A 302 -34.39 -0.05 11.75
C GLN A 302 -35.56 -0.15 10.79
N LEU A 303 -36.30 0.94 10.62
CA LEU A 303 -37.47 0.97 9.72
C LEU A 303 -37.13 0.86 8.24
N LYS A 304 -35.86 1.05 7.91
CA LYS A 304 -35.39 1.02 6.53
C LYS A 304 -35.14 -0.40 5.99
N ASP A 305 -35.44 -1.39 6.83
CA ASP A 305 -35.26 -2.79 6.48
C ASP A 305 -36.19 -3.18 5.34
N GLU A 306 -37.46 -2.84 5.49
CA GLU A 306 -38.45 -3.14 4.46
C GLU A 306 -38.19 -2.36 3.19
N SER A 311 -39.69 4.99 2.75
CA SER A 311 -40.62 5.97 2.20
C SER A 311 -39.85 7.16 1.64
N SER A 312 -40.38 7.78 0.60
CA SER A 312 -39.73 8.93 0.00
C SER A 312 -39.61 10.10 0.95
N ALA A 313 -40.68 10.36 1.69
CA ALA A 313 -40.70 11.47 2.65
C ALA A 313 -39.68 11.29 3.76
N ASP A 314 -39.58 10.08 4.28
CA ASP A 314 -38.65 9.78 5.36
C ASP A 314 -37.22 9.83 4.88
N GLU A 315 -36.97 9.20 3.75
CA GLU A 315 -35.61 9.16 3.20
C GLU A 315 -34.92 10.51 3.31
N LYS A 316 -35.69 11.60 3.19
CA LYS A 316 -35.11 12.92 3.37
C LYS A 316 -34.71 13.15 4.83
N ARG A 317 -35.55 12.74 5.78
CA ARG A 317 -35.19 12.86 7.18
C ARG A 317 -34.02 11.96 7.54
N TYR A 318 -34.02 10.72 7.03
CA TYR A 318 -32.91 9.81 7.27
C TYR A 318 -31.60 10.40 6.74
N ARG A 319 -31.63 10.94 5.53
CA ARG A 319 -30.46 11.59 4.98
C ARG A 319 -30.12 12.90 5.68
N ALA A 320 -31.11 13.52 6.33
CA ALA A 320 -30.85 14.73 7.10
C ALA A 320 -30.31 14.39 8.49
N LEU A 321 -30.93 13.40 9.14
CA LEU A 321 -30.44 12.97 10.44
C LEU A 321 -29.04 12.38 10.35
N LYS A 322 -28.71 11.75 9.22
CA LYS A 322 -27.36 11.23 9.03
C LYS A 322 -26.33 12.35 9.05
N ARG A 323 -26.56 13.41 8.30
CA ARG A 323 -25.63 14.55 8.29
C ARG A 323 -25.48 15.17 9.68
N THR A 324 -26.55 15.16 10.48
CA THR A 324 -26.46 15.70 11.84
C THR A 324 -25.68 14.77 12.76
N ALA A 325 -25.97 13.47 12.72
CA ALA A 325 -25.29 12.52 13.58
C ALA A 325 -23.80 12.41 13.25
N GLU A 326 -23.45 12.58 11.97
CA GLU A 326 -22.05 12.48 11.57
C GLU A 326 -21.21 13.60 12.17
N ARG A 327 -21.76 14.81 12.24
CA ARG A 327 -21.01 15.93 12.80
C ARG A 327 -20.72 15.71 14.27
N GLU A 328 -21.70 15.21 15.02
CA GLU A 328 -21.49 14.92 16.44
C GLU A 328 -20.46 13.83 16.65
N LEU A 329 -20.28 12.94 15.68
CA LEU A 329 -19.31 11.86 15.78
C LEU A 329 -17.92 12.25 15.33
N LEU A 330 -17.78 13.33 14.56
CA LEU A 330 -16.49 13.79 14.07
C LEU A 330 -15.92 14.93 14.90
N MET A 331 -16.72 15.94 15.23
CA MET A 331 -16.21 17.10 15.97
C MET A 331 -15.82 16.74 17.40
N ASN A 332 -16.35 15.64 17.95
CA ASN A 332 -15.99 15.17 19.27
C ASN A 332 -15.08 13.95 19.25
N ALA A 333 -14.70 13.47 18.06
CA ALA A 333 -13.81 12.32 17.95
C ALA A 333 -12.37 12.73 18.28
N ASP A 334 -11.68 11.90 19.04
CA ASP A 334 -10.30 12.17 19.41
C ASP A 334 -9.32 11.91 18.28
N VAL A 335 -9.76 11.23 17.22
CA VAL A 335 -8.91 10.96 16.06
C VAL A 335 -9.82 10.54 14.90
N ILE A 336 -9.52 11.07 13.72
CA ILE A 336 -10.31 10.80 12.51
C ILE A 336 -9.34 10.28 11.45
N CYS A 337 -9.38 8.99 11.18
CA CYS A 337 -8.47 8.35 10.23
C CYS A 337 -9.20 8.07 8.94
N CYS A 338 -8.60 8.46 7.81
CA CYS A 338 -9.17 8.23 6.49
C CYS A 338 -8.08 8.18 5.45
N THR A 339 -8.46 8.10 4.17
CA THR A 339 -7.49 8.04 3.09
C THR A 339 -7.07 9.46 2.68
N CYS A 340 -5.99 9.54 1.88
CA CYS A 340 -5.51 10.84 1.43
C CYS A 340 -6.45 11.46 0.41
N VAL A 341 -6.92 10.68 -0.57
CA VAL A 341 -7.99 11.16 -1.44
C VAL A 341 -9.27 11.42 -0.66
N GLY A 342 -9.39 10.70 0.44
CA GLY A 342 -10.48 10.83 1.39
C GLY A 342 -10.01 12.02 2.19
N ALA A 343 -10.86 12.52 3.07
CA ALA A 343 -10.55 13.67 3.91
C ALA A 343 -10.82 14.96 3.16
N GLY A 344 -11.22 14.81 1.90
CA GLY A 344 -11.58 15.94 1.08
C GLY A 344 -13.08 15.83 0.96
N ASP A 345 -13.64 14.79 1.56
CA ASP A 345 -15.07 14.56 1.50
C ASP A 345 -15.80 15.78 2.05
N PRO A 346 -16.89 16.22 1.40
CA PRO A 346 -17.52 17.49 1.76
C PRO A 346 -17.93 17.61 3.22
N ARG A 347 -18.07 16.47 3.92
CA ARG A 347 -18.41 16.50 5.34
C ARG A 347 -17.19 16.72 6.23
N LEU A 348 -15.97 16.65 5.69
CA LEU A 348 -14.80 17.02 6.47
C LEU A 348 -14.36 18.46 6.23
N ALA A 349 -14.90 19.12 5.21
CA ALA A 349 -14.69 20.54 5.05
C ALA A 349 -15.34 21.31 6.19
N LYS A 350 -15.04 22.60 6.27
CA LYS A 350 -15.47 23.47 7.36
C LYS A 350 -15.00 22.96 8.72
N MET A 351 -13.96 22.13 8.74
CA MET A 351 -13.31 21.67 9.96
C MET A 351 -11.84 22.03 9.91
N GLN A 352 -11.20 22.01 11.08
CA GLN A 352 -9.80 22.36 11.21
C GLN A 352 -9.08 21.26 11.99
N PHE A 353 -7.88 20.92 11.54
CA PHE A 353 -7.07 19.85 12.15
C PHE A 353 -5.69 20.41 12.45
N ARG A 354 -5.38 20.60 13.73
CA ARG A 354 -4.07 21.12 14.10
C ARG A 354 -2.97 20.12 13.80
N SER A 355 -3.12 18.88 14.26
CA SER A 355 -2.13 17.83 14.07
C SER A 355 -2.54 16.94 12.91
N ILE A 356 -1.61 16.66 12.01
CA ILE A 356 -1.85 15.83 10.84
C ILE A 356 -0.67 14.88 10.65
N LEU A 357 -0.94 13.57 10.68
CA LEU A 357 0.08 12.55 10.44
C LEU A 357 -0.35 11.72 9.25
N ILE A 358 0.60 11.45 8.35
CA ILE A 358 0.34 10.72 7.12
C ILE A 358 1.34 9.59 7.02
N ASP A 359 0.86 8.35 7.13
CA ASP A 359 1.71 7.18 6.96
C ASP A 359 1.88 6.86 5.48
N GLU A 360 3.02 6.26 5.15
CA GLU A 360 3.35 5.88 3.78
C GLU A 360 3.25 7.09 2.83
N SER A 361 3.75 8.23 3.29
CA SER A 361 3.68 9.47 2.52
C SER A 361 4.55 9.44 1.27
N THR A 362 5.36 8.39 1.08
CA THR A 362 6.21 8.27 -0.09
C THR A 362 5.55 7.51 -1.23
N GLN A 363 4.26 7.17 -1.11
CA GLN A 363 3.53 6.46 -2.15
C GLN A 363 2.44 7.30 -2.80
N ALA A 364 2.44 8.61 -2.55
CA ALA A 364 1.41 9.50 -3.06
C ALA A 364 2.05 10.71 -3.73
N THR A 365 1.53 11.10 -4.88
CA THR A 365 1.95 12.33 -5.54
C THR A 365 1.75 13.50 -4.59
N GLU A 366 2.61 14.51 -4.70
CA GLU A 366 2.60 15.63 -3.76
C GLU A 366 1.24 16.31 -3.63
N PRO A 367 0.53 16.65 -4.71
CA PRO A 367 -0.83 17.21 -4.53
C PRO A 367 -1.81 16.24 -3.89
N GLU A 368 -1.62 14.93 -4.07
CA GLU A 368 -2.46 13.95 -3.39
C GLU A 368 -2.23 13.97 -1.88
N CYS A 369 -0.98 14.00 -1.45
CA CYS A 369 -0.66 14.08 -0.04
C CYS A 369 -1.07 15.42 0.58
N MET A 370 -1.15 16.48 -0.24
CA MET A 370 -1.49 17.80 0.25
C MET A 370 -2.99 17.98 0.49
N VAL A 371 -3.82 17.03 0.07
CA VAL A 371 -5.27 17.17 0.28
C VAL A 371 -5.62 17.34 1.75
N PRO A 372 -5.10 16.53 2.68
CA PRO A 372 -5.39 16.82 4.10
C PRO A 372 -4.60 17.99 4.66
N VAL A 373 -3.44 18.30 4.09
CA VAL A 373 -2.58 19.36 4.63
C VAL A 373 -3.29 20.71 4.56
N VAL A 374 -4.10 20.88 3.52
CA VAL A 374 -4.81 22.11 3.29
C VAL A 374 -5.77 22.47 4.42
N LEU A 375 -6.25 21.47 5.14
CA LEU A 375 -7.20 21.76 6.20
C LEU A 375 -6.52 22.25 7.47
N GLY A 376 -5.93 23.44 7.37
CA GLY A 376 -5.27 24.07 8.50
C GLY A 376 -4.20 23.31 9.25
N ALA A 377 -3.29 22.66 8.54
CA ALA A 377 -2.25 21.90 9.23
C ALA A 377 -1.38 22.83 10.06
N LYS A 378 -1.27 22.54 11.35
CA LYS A 378 -0.39 23.27 12.26
C LYS A 378 0.79 22.44 12.75
N GLN A 379 0.61 21.12 12.83
CA GLN A 379 1.67 20.21 13.25
C GLN A 379 1.65 18.99 12.35
N LEU A 380 2.60 18.93 11.42
CA LEU A 380 2.58 17.96 10.33
C LEU A 380 3.70 16.94 10.51
N ILE A 381 3.34 15.66 10.33
CA ILE A 381 4.31 14.56 10.38
C ILE A 381 4.08 13.65 9.19
N LEU A 382 5.11 13.47 8.36
CA LEU A 382 5.05 12.57 7.21
C LEU A 382 5.91 11.35 7.48
N VAL A 383 5.35 10.16 7.26
CA VAL A 383 6.04 8.90 7.48
C VAL A 383 6.13 8.15 6.15
N GLY A 384 7.28 7.54 5.90
CA GLY A 384 7.50 6.79 4.69
C GLY A 384 8.97 6.52 4.50
N ASP A 385 9.34 5.88 3.39
CA ASP A 385 10.74 5.61 3.12
C ASP A 385 11.08 6.13 1.73
N HIS A 386 11.96 7.11 1.65
CA HIS A 386 12.34 7.63 0.34
C HIS A 386 13.08 6.51 -0.38
N CYS A 387 13.93 5.81 0.36
CA CYS A 387 14.67 4.69 -0.21
C CYS A 387 13.73 3.52 -0.13
N GLN A 388 12.64 3.63 -0.87
CA GLN A 388 11.63 2.58 -0.89
C GLN A 388 10.66 2.82 -2.02
N LEU A 389 9.82 1.84 -2.29
CA LEU A 389 8.87 1.97 -3.39
C LEU A 389 8.18 3.33 -3.35
N GLY A 390 7.99 3.90 -4.55
CA GLY A 390 7.43 5.24 -4.66
C GLY A 390 6.07 5.26 -5.31
N PRO A 391 5.60 6.45 -5.68
CA PRO A 391 4.27 6.59 -6.28
C PRO A 391 4.22 6.03 -7.69
N VAL A 392 3.02 6.03 -8.25
CA VAL A 392 2.76 5.54 -9.60
C VAL A 392 2.10 6.65 -10.41
N VAL A 393 2.82 7.13 -11.43
CA VAL A 393 2.29 8.12 -12.36
C VAL A 393 2.22 7.46 -13.73
N MET A 394 1.04 7.50 -14.35
CA MET A 394 0.84 6.79 -15.60
C MET A 394 1.25 7.62 -16.81
N CYS A 395 0.99 8.92 -16.77
CA CYS A 395 1.40 9.83 -17.84
C CYS A 395 2.86 10.17 -17.62
N LYS A 396 3.74 9.49 -18.38
CA LYS A 396 5.17 9.63 -18.22
C LYS A 396 5.66 11.06 -18.42
N LYS A 397 4.91 11.89 -19.15
CA LYS A 397 5.30 13.29 -19.31
C LYS A 397 5.25 14.01 -17.97
N ALA A 398 4.32 13.63 -17.10
CA ALA A 398 4.24 14.24 -15.78
C ALA A 398 5.27 13.67 -14.82
N ALA A 399 5.63 12.39 -14.97
CA ALA A 399 6.61 11.79 -14.08
C ALA A 399 7.98 12.45 -14.20
N LYS A 400 8.38 12.80 -15.43
CA LYS A 400 9.65 13.50 -15.62
C LYS A 400 9.54 14.97 -15.28
N ALA A 401 8.34 15.56 -15.39
CA ALA A 401 8.16 16.97 -15.10
C ALA A 401 8.24 17.26 -13.61
N GLY A 402 8.17 16.25 -12.76
CA GLY A 402 8.27 16.43 -11.32
C GLY A 402 7.16 15.81 -10.51
N LEU A 403 6.14 15.21 -11.14
CA LEU A 403 5.04 14.61 -10.37
C LEU A 403 5.49 13.34 -9.66
N SER A 404 6.56 12.70 -10.16
CA SER A 404 7.06 11.48 -9.54
C SER A 404 7.73 11.73 -8.21
N GLN A 405 7.92 12.99 -7.80
CA GLN A 405 8.57 13.32 -6.55
C GLN A 405 7.50 13.57 -5.48
N SER A 406 7.37 12.62 -4.55
CA SER A 406 6.39 12.75 -3.48
C SER A 406 6.77 13.91 -2.56
N LEU A 407 5.80 14.33 -1.73
CA LEU A 407 6.05 15.41 -0.79
C LEU A 407 7.14 15.04 0.21
N PHE A 408 7.30 13.75 0.49
CA PHE A 408 8.38 13.31 1.39
C PHE A 408 9.75 13.61 0.78
N GLU A 409 9.95 13.19 -0.47
CA GLU A 409 11.28 13.33 -1.09
C GLU A 409 11.64 14.79 -1.32
N ARG A 410 10.67 15.61 -1.73
CA ARG A 410 10.97 17.00 -2.07
C ARG A 410 11.42 17.78 -0.85
N LEU A 411 10.82 17.53 0.31
CA LEU A 411 11.26 18.18 1.54
C LEU A 411 12.61 17.68 2.03
N VAL A 412 12.96 16.42 1.73
CA VAL A 412 14.29 15.92 2.07
C VAL A 412 15.36 16.64 1.25
N VAL A 413 15.12 16.79 -0.06
CA VAL A 413 16.09 17.44 -0.93
C VAL A 413 16.30 18.89 -0.50
N LEU A 414 15.29 19.49 0.13
CA LEU A 414 15.45 20.85 0.64
C LEU A 414 16.30 20.87 1.91
N GLY A 415 16.38 19.74 2.62
CA GLY A 415 17.22 19.66 3.80
C GLY A 415 16.46 19.39 5.09
N ILE A 416 15.58 18.39 5.08
CA ILE A 416 14.90 17.96 6.29
C ILE A 416 15.29 16.51 6.54
N ARG A 417 16.35 16.30 7.31
CA ARG A 417 16.82 14.97 7.63
C ARG A 417 15.74 14.21 8.40
N PRO A 418 15.19 13.14 7.84
CA PRO A 418 14.10 12.43 8.53
C PRO A 418 14.59 11.69 9.76
N ILE A 419 13.77 11.72 10.80
CA ILE A 419 14.01 10.90 11.99
C ILE A 419 13.80 9.45 11.56
N ARG A 420 14.83 8.62 11.71
CA ARG A 420 14.88 7.30 11.10
C ARG A 420 14.92 6.22 12.17
N LEU A 421 13.89 5.38 12.20
CA LEU A 421 13.87 4.25 13.11
C LEU A 421 14.83 3.16 12.59
N GLN A 422 15.60 2.58 13.51
CA GLN A 422 16.62 1.61 13.14
C GLN A 422 16.51 0.13 13.55
N VAL A 423 15.32 -0.34 13.94
CA VAL A 423 15.21 -1.74 14.33
C VAL A 423 14.30 -2.55 13.40
N GLN A 424 14.80 -3.69 12.92
CA GLN A 424 14.02 -4.53 12.01
C GLN A 424 13.60 -5.79 12.75
N TYR A 425 12.34 -5.84 13.19
CA TYR A 425 11.86 -7.03 13.87
C TYR A 425 11.30 -8.10 12.93
N ARG A 426 11.29 -7.86 11.62
CA ARG A 426 10.71 -8.84 10.69
C ARG A 426 11.59 -9.88 9.97
N MET A 427 12.66 -9.46 9.31
CA MET A 427 13.50 -10.40 8.58
C MET A 427 14.59 -10.97 9.48
N HIS A 428 15.12 -12.12 9.06
CA HIS A 428 16.25 -12.72 9.74
C HIS A 428 17.44 -11.77 9.69
N PRO A 429 18.21 -11.65 10.78
CA PRO A 429 19.30 -10.65 10.78
C PRO A 429 20.32 -10.84 9.67
N ALA A 430 20.60 -12.07 9.26
CA ALA A 430 21.52 -12.29 8.14
C ALA A 430 20.93 -11.78 6.84
N LEU A 431 19.60 -11.79 6.72
CA LEU A 431 18.95 -11.27 5.52
C LEU A 431 19.07 -9.75 5.44
N SER A 432 19.04 -9.08 6.60
CA SER A 432 19.04 -7.62 6.64
C SER A 432 20.41 -7.01 6.41
N ALA A 433 21.46 -7.83 6.25
CA ALA A 433 22.82 -7.29 6.16
C ALA A 433 23.01 -6.49 4.88
N PHE A 434 22.67 -7.06 3.72
CA PHE A 434 22.87 -6.37 2.45
C PHE A 434 21.95 -5.16 2.30
N PRO A 435 20.65 -5.27 2.57
CA PRO A 435 19.79 -4.07 2.45
C PRO A 435 20.17 -2.93 3.37
N SER A 436 20.79 -3.21 4.52
CA SER A 436 21.24 -2.15 5.41
C SER A 436 22.45 -1.40 4.87
N ASN A 437 23.49 -2.15 4.47
CA ASN A 437 24.71 -1.51 3.99
C ASN A 437 24.50 -0.78 2.67
N ILE A 438 23.81 -1.43 1.73
CA ILE A 438 23.72 -0.89 0.38
C ILE A 438 22.71 0.25 0.32
N PHE A 439 21.60 0.12 1.04
CA PHE A 439 20.51 1.08 0.92
C PHE A 439 20.43 2.07 2.07
N TYR A 440 20.57 1.61 3.31
CA TYR A 440 20.36 2.45 4.48
C TYR A 440 21.67 2.82 5.19
N GLU A 441 22.77 2.89 4.45
CA GLU A 441 24.08 3.32 4.94
C GLU A 441 24.57 2.51 6.13
N GLY A 442 24.14 1.26 6.26
CA GLY A 442 24.57 0.39 7.34
C GLY A 442 24.06 0.77 8.72
N SER A 443 23.27 1.83 8.85
CA SER A 443 22.77 2.27 10.15
C SER A 443 21.44 1.58 10.44
N LEU A 444 21.52 0.26 10.62
CA LEU A 444 20.37 -0.56 10.98
C LEU A 444 20.79 -1.56 12.05
N GLN A 445 19.91 -1.75 13.03
CA GLN A 445 20.13 -2.69 14.11
C GLN A 445 19.12 -3.83 14.02
N ASN A 446 19.58 -5.05 14.27
CA ASN A 446 18.73 -6.23 14.23
C ASN A 446 18.09 -6.42 15.60
N GLY A 447 16.81 -6.07 15.72
CA GLY A 447 16.09 -6.23 16.97
C GLY A 447 15.50 -7.62 17.13
N VAL A 448 16.02 -8.57 16.36
CA VAL A 448 15.56 -9.97 16.42
C VAL A 448 16.77 -10.87 16.33
N THR A 449 16.91 -11.77 17.31
CA THR A 449 18.00 -12.72 17.31
C THR A 449 17.83 -13.74 16.19
N ALA A 450 18.95 -14.24 15.68
CA ALA A 450 18.93 -15.23 14.60
C ALA A 450 18.24 -16.53 15.00
N ALA A 451 17.92 -16.70 16.29
CA ALA A 451 17.18 -17.88 16.72
C ALA A 451 15.67 -17.68 16.67
N ASP A 452 15.20 -16.44 16.91
CA ASP A 452 13.78 -16.15 16.75
C ASP A 452 13.33 -16.41 15.32
N ARG A 453 14.16 -16.05 14.35
CA ARG A 453 13.95 -16.42 12.96
C ARG A 453 14.74 -17.68 12.63
N VAL A 454 14.60 -18.15 11.40
CA VAL A 454 15.21 -19.39 10.93
C VAL A 454 14.83 -20.54 11.87
N LYS A 455 13.55 -20.62 12.21
CA LYS A 455 13.06 -21.66 13.10
C LYS A 455 11.62 -22.03 12.76
N PHE A 458 13.31 -27.78 11.25
CA PHE A 458 12.72 -27.44 9.96
C PHE A 458 13.38 -28.25 8.85
N ASP A 459 12.56 -28.91 8.04
CA ASP A 459 13.04 -29.83 7.00
C ASP A 459 13.51 -29.03 5.79
N PHE A 460 14.65 -28.37 5.96
CA PHE A 460 15.30 -27.67 4.85
C PHE A 460 16.78 -27.55 5.16
N GLN A 461 17.60 -27.98 4.21
CA GLN A 461 19.05 -27.99 4.36
C GLN A 461 19.64 -26.83 3.55
N TRP A 462 19.68 -25.65 4.17
CA TRP A 462 20.34 -24.50 3.55
C TRP A 462 21.83 -24.80 3.37
N PRO A 463 22.49 -24.11 2.42
CA PRO A 463 23.94 -24.24 2.29
C PRO A 463 24.64 -23.94 3.60
N GLN A 464 24.54 -22.70 4.06
CA GLN A 464 25.01 -22.32 5.38
C GLN A 464 23.80 -22.01 6.26
N PRO A 465 23.43 -22.91 7.18
CA PRO A 465 22.25 -22.63 8.02
C PRO A 465 22.40 -21.41 8.92
N ASP A 466 23.61 -20.86 9.05
CA ASP A 466 23.77 -19.61 9.78
C ASP A 466 23.21 -18.44 8.99
N LYS A 467 22.99 -18.63 7.68
CA LYS A 467 22.45 -17.58 6.82
C LYS A 467 21.41 -18.19 5.88
N PRO A 468 20.13 -18.15 6.23
CA PRO A 468 19.06 -18.68 5.34
C PRO A 468 18.86 -17.84 4.08
N MET A 469 19.87 -17.88 3.21
CA MET A 469 19.84 -17.11 1.96
C MET A 469 20.87 -17.69 1.01
N PHE A 470 20.49 -17.77 -0.27
CA PHE A 470 21.42 -18.18 -1.32
C PHE A 470 20.87 -17.72 -2.66
N PHE A 471 21.64 -17.99 -3.72
CA PHE A 471 21.31 -17.55 -5.07
C PHE A 471 21.45 -18.75 -6.00
N TYR A 472 20.34 -19.43 -6.26
CA TYR A 472 20.34 -20.61 -7.13
C TYR A 472 20.60 -20.16 -8.56
N VAL A 473 21.85 -20.28 -9.00
CA VAL A 473 22.18 -19.82 -10.32
C VAL A 473 21.56 -20.73 -11.35
N THR A 474 20.69 -20.17 -12.19
CA THR A 474 20.03 -20.99 -13.18
C THR A 474 20.21 -20.51 -14.61
N GLN A 475 20.58 -21.43 -15.49
CA GLN A 475 20.74 -21.09 -16.88
C GLN A 475 19.54 -21.71 -17.58
N GLY A 476 18.69 -20.85 -18.13
CA GLY A 476 17.50 -21.31 -18.83
C GLY A 476 17.23 -20.42 -20.01
N GLN A 477 16.57 -20.97 -21.02
CA GLN A 477 16.27 -20.19 -22.21
C GLN A 477 15.33 -19.04 -21.87
N GLU A 478 15.66 -17.87 -22.41
CA GLU A 478 14.85 -16.67 -22.23
C GLU A 478 13.91 -16.53 -23.42
N GLU A 479 12.61 -16.60 -23.16
CA GLU A 479 11.59 -16.51 -24.21
C GLU A 479 10.79 -15.22 -24.05
N ILE A 480 10.59 -14.51 -25.16
CA ILE A 480 9.69 -13.38 -25.21
C ILE A 480 8.32 -13.95 -25.61
N ALA A 481 7.62 -14.54 -24.63
CA ALA A 481 6.41 -15.32 -24.88
C ALA A 481 5.23 -14.77 -24.09
N SER A 482 5.09 -13.44 -24.06
CA SER A 482 3.91 -12.80 -23.49
C SER A 482 3.08 -12.08 -24.56
N SER A 483 2.92 -12.70 -25.73
CA SER A 483 2.27 -12.08 -26.88
C SER A 483 2.95 -10.77 -27.26
N GLY A 484 4.26 -10.70 -27.01
CA GLY A 484 5.06 -9.54 -27.35
C GLY A 484 5.05 -8.42 -26.33
N THR A 485 4.92 -8.73 -25.04
CA THR A 485 4.88 -7.71 -24.00
C THR A 485 5.84 -7.94 -22.85
N SER A 486 6.27 -9.18 -22.62
CA SER A 486 7.17 -9.50 -21.52
C SER A 486 8.03 -10.70 -21.91
N TYR A 487 8.88 -11.12 -20.98
CA TYR A 487 9.79 -12.23 -21.20
C TYR A 487 9.39 -13.44 -20.37
N LEU A 488 10.04 -14.56 -20.63
CA LEU A 488 9.71 -15.84 -20.01
C LEU A 488 10.96 -16.71 -19.96
N ASN A 489 11.11 -17.44 -18.86
CA ASN A 489 12.24 -18.35 -18.68
C ASN A 489 11.71 -19.65 -18.10
N ARG A 490 11.59 -20.68 -18.96
CA ARG A 490 11.04 -21.95 -18.53
C ARG A 490 11.97 -22.68 -17.57
N THR A 491 13.28 -22.58 -17.80
CA THR A 491 14.23 -23.32 -16.97
C THR A 491 14.21 -22.84 -15.52
N GLU A 492 14.12 -21.52 -15.31
CA GLU A 492 14.00 -21.01 -13.96
C GLU A 492 12.70 -21.46 -13.31
N ALA A 493 11.59 -21.37 -14.06
CA ALA A 493 10.28 -21.73 -13.53
C ALA A 493 10.29 -23.14 -12.92
N ALA A 494 10.84 -24.10 -13.66
CA ALA A 494 10.96 -25.46 -13.14
C ALA A 494 11.87 -25.52 -11.92
N ASN A 495 13.01 -24.82 -11.96
CA ASN A 495 13.89 -24.77 -10.78
C ASN A 495 13.21 -24.04 -9.63
N VAL A 496 12.45 -22.98 -9.92
CA VAL A 496 11.64 -22.34 -8.89
C VAL A 496 10.59 -23.32 -8.36
N GLU A 497 10.02 -24.14 -9.25
CA GLU A 497 8.99 -25.07 -8.84
C GLU A 497 9.51 -26.08 -7.83
N LYS A 498 10.76 -26.53 -8.00
CA LYS A 498 11.35 -27.44 -7.03
C LYS A 498 11.64 -26.74 -5.71
N ILE A 499 12.00 -25.45 -5.76
CA ILE A 499 12.29 -24.71 -4.55
C ILE A 499 11.02 -24.49 -3.73
N THR A 500 9.96 -24.02 -4.39
CA THR A 500 8.68 -23.83 -3.69
C THR A 500 8.04 -25.15 -3.27
N THR A 501 8.48 -26.27 -3.85
CA THR A 501 8.01 -27.58 -3.43
C THR A 501 8.75 -28.09 -2.20
N LYS A 502 10.08 -27.93 -2.18
CA LYS A 502 10.85 -28.31 -0.99
C LYS A 502 10.42 -27.50 0.23
N LEU A 503 10.08 -26.22 0.03
CA LEU A 503 9.52 -25.41 1.10
C LEU A 503 8.10 -25.82 1.47
N LEU A 504 7.52 -26.79 0.77
CA LEU A 504 6.24 -27.37 1.16
C LEU A 504 6.39 -28.81 1.63
N LYS A 505 7.48 -29.49 1.28
CA LYS A 505 7.80 -30.80 1.82
C LYS A 505 8.16 -30.62 3.28
N ALA A 506 7.17 -30.76 4.16
CA ALA A 506 7.31 -30.47 5.58
C ALA A 506 7.80 -29.05 5.83
N GLY A 507 7.36 -28.10 4.98
CA GLY A 507 7.77 -26.73 5.12
C GLY A 507 6.65 -25.81 5.58
N ALA A 508 6.83 -24.52 5.33
CA ALA A 508 5.86 -23.53 5.76
C ALA A 508 4.56 -23.67 4.98
N LYS A 509 3.51 -23.00 5.48
CA LYS A 509 2.21 -23.04 4.83
C LYS A 509 2.28 -22.31 3.48
N PRO A 510 1.46 -22.73 2.51
CA PRO A 510 1.48 -22.04 1.21
C PRO A 510 1.01 -20.60 1.28
N ASP A 511 0.31 -20.22 2.36
CA ASP A 511 -0.11 -18.84 2.52
C ASP A 511 1.04 -17.92 2.89
N GLN A 512 2.15 -18.48 3.38
CA GLN A 512 3.30 -17.72 3.84
C GLN A 512 4.53 -18.00 2.99
N ILE A 513 4.34 -18.16 1.69
CA ILE A 513 5.43 -18.27 0.72
C ILE A 513 5.09 -17.37 -0.46
N GLY A 514 6.03 -16.49 -0.81
CA GLY A 514 5.76 -15.52 -1.85
C GLY A 514 6.77 -15.48 -2.98
N ILE A 515 6.38 -15.96 -4.16
CA ILE A 515 7.21 -15.89 -5.35
C ILE A 515 7.02 -14.52 -5.97
N ILE A 516 8.13 -13.82 -6.24
CA ILE A 516 8.10 -12.45 -6.73
C ILE A 516 8.89 -12.41 -8.03
N THR A 517 8.33 -11.76 -9.05
CA THR A 517 8.88 -11.77 -10.40
C THR A 517 8.56 -10.46 -11.10
N PRO A 518 9.54 -9.86 -11.78
CA PRO A 518 9.27 -8.58 -12.44
C PRO A 518 8.32 -8.69 -13.63
N TYR A 519 8.45 -9.75 -14.43
CA TYR A 519 7.73 -9.85 -15.69
C TYR A 519 6.44 -10.65 -15.51
N GLU A 520 5.35 -10.14 -16.09
CA GLU A 520 4.07 -10.82 -15.99
C GLU A 520 4.07 -12.12 -16.79
N GLY A 521 4.79 -12.16 -17.92
CA GLY A 521 4.87 -13.38 -18.71
C GLY A 521 5.42 -14.55 -17.92
N GLN A 522 6.42 -14.30 -17.07
CA GLN A 522 6.90 -15.36 -16.19
C GLN A 522 5.87 -15.72 -15.13
N ARG A 523 5.14 -14.71 -14.62
CA ARG A 523 4.10 -14.99 -13.64
C ARG A 523 2.99 -15.84 -14.22
N SER A 524 2.50 -15.47 -15.41
CA SER A 524 1.46 -16.25 -16.07
C SER A 524 1.90 -17.69 -16.33
N TYR A 525 3.20 -17.93 -16.44
CA TYR A 525 3.71 -19.28 -16.65
C TYR A 525 3.75 -20.06 -15.34
N LEU A 526 4.30 -19.45 -14.28
CA LEU A 526 4.44 -20.16 -13.01
C LEU A 526 3.11 -20.59 -12.44
N VAL A 527 2.07 -19.76 -12.58
CA VAL A 527 0.75 -20.11 -12.05
C VAL A 527 0.21 -21.32 -12.77
N GLN A 528 0.45 -21.42 -14.08
CA GLN A 528 -0.07 -22.55 -14.85
C GLN A 528 0.87 -23.74 -14.77
N TYR A 529 2.19 -23.49 -14.73
CA TYR A 529 3.15 -24.58 -14.68
C TYR A 529 3.03 -25.38 -13.39
N MET A 530 2.84 -24.70 -12.27
CA MET A 530 2.74 -25.35 -10.97
C MET A 530 1.39 -25.99 -10.71
N GLN A 531 0.45 -25.90 -11.66
CA GLN A 531 -0.86 -26.53 -11.51
C GLN A 531 -0.95 -27.78 -12.37
N SER A 533 2.52 -29.64 -13.51
CA SER A 533 3.46 -30.53 -12.86
C SER A 533 3.46 -30.34 -11.36
N GLY A 534 4.60 -30.60 -10.72
CA GLY A 534 4.71 -30.49 -9.28
C GLY A 534 4.21 -31.71 -8.53
N SER A 535 4.77 -31.97 -7.36
CA SER A 535 4.40 -33.16 -6.60
C SER A 535 3.07 -32.98 -5.89
N LEU A 536 2.91 -31.88 -5.15
CA LEU A 536 1.70 -31.65 -4.38
C LEU A 536 0.49 -31.46 -5.30
N HIS A 537 -0.69 -31.47 -4.70
CA HIS A 537 -1.93 -31.31 -5.45
C HIS A 537 -2.01 -29.92 -6.07
N THR A 538 -3.06 -29.73 -6.88
CA THR A 538 -3.22 -28.45 -7.58
C THR A 538 -3.53 -27.32 -6.61
N LYS A 539 -4.28 -27.59 -5.56
CA LYS A 539 -4.72 -26.55 -4.65
C LYS A 539 -3.68 -26.16 -3.61
N LEU A 540 -2.70 -27.02 -3.35
CA LEU A 540 -1.66 -26.67 -2.39
C LEU A 540 -0.78 -25.53 -2.92
N TYR A 541 -0.52 -25.51 -4.22
CA TYR A 541 0.30 -24.46 -4.83
C TYR A 541 -0.48 -23.20 -5.13
N GLN A 542 -1.80 -23.19 -4.88
CA GLN A 542 -2.61 -22.02 -5.21
C GLN A 542 -2.33 -20.85 -4.29
N GLU A 543 -2.18 -21.10 -2.98
CA GLU A 543 -1.93 -20.05 -2.01
C GLU A 543 -0.54 -19.42 -2.14
N VAL A 544 0.36 -20.02 -2.90
CA VAL A 544 1.69 -19.45 -3.16
C VAL A 544 1.49 -18.24 -4.05
N GLU A 545 1.55 -17.04 -3.47
CA GLU A 545 1.33 -15.82 -4.23
C GLU A 545 2.47 -15.59 -5.22
N ILE A 546 2.10 -15.20 -6.44
CA ILE A 546 3.05 -14.92 -7.51
C ILE A 546 2.65 -13.61 -8.16
N ALA A 547 3.45 -12.57 -7.96
CA ALA A 547 3.18 -11.25 -8.53
C ALA A 547 4.48 -10.46 -8.57
N SER A 548 4.39 -9.19 -8.94
CA SER A 548 5.54 -8.32 -9.03
C SER A 548 5.82 -7.70 -7.66
N VAL A 549 6.88 -6.88 -7.56
CA VAL A 549 7.17 -6.20 -6.31
C VAL A 549 6.09 -5.21 -5.92
N ASP A 550 5.37 -4.68 -6.92
CA ASP A 550 4.33 -3.69 -6.65
C ASP A 550 3.20 -4.26 -5.80
N ALA A 551 3.01 -5.58 -5.83
CA ALA A 551 1.95 -6.24 -5.06
C ALA A 551 2.42 -6.69 -3.69
N PHE A 552 3.72 -6.59 -3.39
CA PHE A 552 4.25 -6.99 -2.09
C PHE A 552 4.71 -5.81 -1.24
N GLN A 553 4.49 -4.57 -1.66
CA GLN A 553 4.92 -3.43 -0.88
C GLN A 553 4.15 -3.35 0.43
N GLY A 554 4.88 -3.27 1.54
CA GLY A 554 4.26 -3.19 2.85
C GLY A 554 3.95 -4.56 3.44
N ARG A 555 3.59 -5.51 2.61
CA ARG A 555 3.24 -6.86 3.06
C ARG A 555 4.50 -7.72 3.18
N GLU A 556 4.52 -8.57 4.20
CA GLU A 556 5.63 -9.46 4.46
C GLU A 556 5.15 -10.91 4.48
N LYS A 557 6.06 -11.83 4.20
CA LYS A 557 5.76 -13.25 4.22
C LYS A 557 6.94 -14.01 4.82
N ASP A 558 6.68 -15.27 5.18
CA ASP A 558 7.71 -16.07 5.83
C ASP A 558 8.87 -16.36 4.88
N PHE A 559 8.58 -16.57 3.60
CA PHE A 559 9.60 -16.88 2.61
C PHE A 559 9.29 -16.15 1.31
N ILE A 560 10.34 -15.73 0.62
CA ILE A 560 10.25 -15.07 -0.67
C ILE A 560 11.16 -15.78 -1.65
N ILE A 561 10.62 -16.14 -2.81
CA ILE A 561 11.37 -16.78 -3.88
C ILE A 561 11.37 -15.83 -5.07
N LEU A 562 12.52 -15.22 -5.34
CA LEU A 562 12.66 -14.23 -6.40
C LEU A 562 13.21 -14.88 -7.66
N SER A 563 12.57 -14.59 -8.79
CA SER A 563 12.96 -15.13 -10.09
C SER A 563 13.26 -13.96 -11.02
N CYS A 564 14.51 -13.85 -11.42
CA CYS A 564 14.95 -12.79 -12.32
C CYS A 564 14.36 -12.97 -13.71
N VAL A 565 14.28 -14.23 -14.15
CA VAL A 565 13.73 -14.56 -15.45
C VAL A 565 14.63 -14.23 -16.62
N ARG A 566 15.01 -12.97 -16.73
CA ARG A 566 15.87 -12.55 -17.83
C ARG A 566 17.25 -13.21 -17.76
N ALA A 567 17.72 -13.67 -18.91
CA ALA A 567 19.03 -14.29 -19.04
C ALA A 567 19.97 -13.58 -20.00
N ASN A 568 19.46 -12.75 -20.90
CA ASN A 568 20.29 -11.96 -21.81
C ASN A 568 20.60 -10.60 -21.17
N GLU A 569 21.77 -10.06 -21.52
CA GLU A 569 22.25 -8.83 -20.90
C GLU A 569 21.40 -7.61 -21.23
N HIS A 570 20.53 -7.69 -22.23
CA HIS A 570 19.68 -6.56 -22.60
C HIS A 570 18.65 -6.25 -21.51
N GLY A 574 10.99 -3.90 -15.95
CA GLY A 574 11.73 -4.78 -15.07
C GLY A 574 12.52 -4.03 -14.01
N PHE A 575 12.47 -4.53 -12.76
CA PHE A 575 13.13 -3.88 -11.65
C PHE A 575 14.57 -4.35 -11.45
N LEU A 576 15.11 -5.13 -12.40
CA LEU A 576 16.50 -5.56 -12.31
C LEU A 576 17.47 -4.39 -12.34
N ASN A 577 17.01 -3.19 -12.67
CA ASN A 577 17.86 -2.00 -12.67
C ASN A 577 17.49 -0.99 -11.59
N ASP A 578 16.26 -1.06 -11.06
CA ASP A 578 15.81 -0.10 -10.06
C ASP A 578 16.25 -0.55 -8.67
N PRO A 579 16.91 0.31 -7.90
CA PRO A 579 17.30 -0.09 -6.54
C PRO A 579 16.13 -0.14 -5.56
N ARG A 580 15.15 0.76 -5.70
CA ARG A 580 14.03 0.78 -4.78
C ARG A 580 13.20 -0.49 -4.87
N ARG A 581 12.77 -0.86 -6.07
CA ARG A 581 12.00 -2.08 -6.24
C ARG A 581 12.83 -3.33 -5.92
N LEU A 582 14.17 -3.20 -5.97
CA LEU A 582 15.02 -4.29 -5.52
C LEU A 582 15.05 -4.37 -3.99
N ASN A 583 15.06 -3.21 -3.32
CA ASN A 583 15.12 -3.20 -1.85
C ASN A 583 13.87 -3.84 -1.25
N VAL A 584 12.71 -3.65 -1.87
CA VAL A 584 11.48 -4.22 -1.35
C VAL A 584 11.46 -5.73 -1.54
N ALA A 585 11.98 -6.23 -2.67
CA ALA A 585 11.99 -7.66 -2.91
C ALA A 585 12.78 -8.41 -1.86
N LEU A 586 13.86 -7.81 -1.36
CA LEU A 586 14.69 -8.48 -0.36
C LEU A 586 14.10 -8.38 1.03
N THR A 587 13.66 -7.18 1.44
CA THR A 587 13.28 -6.89 2.81
C THR A 587 11.83 -7.25 3.14
N ARG A 588 11.19 -8.11 2.36
CA ARG A 588 9.82 -8.54 2.66
C ARG A 588 9.73 -10.03 2.95
N ALA A 589 10.85 -10.68 3.26
CA ALA A 589 10.87 -12.08 3.65
C ALA A 589 11.28 -12.18 5.10
N ARG A 590 10.57 -13.01 5.86
CA ARG A 590 10.80 -13.10 7.30
C ARG A 590 11.88 -14.11 7.66
N TYR A 591 11.86 -15.29 7.05
CA TYR A 591 12.77 -16.36 7.43
C TYR A 591 13.82 -16.69 6.38
N GLY A 592 13.47 -16.66 5.09
CA GLY A 592 14.40 -17.06 4.06
C GLY A 592 14.19 -16.30 2.77
N VAL A 593 15.32 -16.03 2.09
CA VAL A 593 15.32 -15.38 0.79
C VAL A 593 16.09 -16.27 -0.18
N ILE A 594 15.53 -16.52 -1.35
CA ILE A 594 16.15 -17.33 -2.39
C ILE A 594 15.98 -16.60 -3.71
N ILE A 595 17.10 -16.25 -4.35
CA ILE A 595 17.07 -15.56 -5.63
C ILE A 595 17.50 -16.53 -6.72
N VAL A 596 16.78 -16.50 -7.85
CA VAL A 596 17.05 -17.38 -8.98
C VAL A 596 17.24 -16.50 -10.21
N GLY A 597 18.38 -16.64 -10.88
CA GLY A 597 18.65 -15.83 -12.05
C GLY A 597 19.99 -16.20 -12.67
N ASN A 598 20.28 -15.55 -13.80
CA ASN A 598 21.54 -15.75 -14.49
C ASN A 598 22.46 -14.57 -14.19
N PRO A 599 23.61 -14.78 -13.54
CA PRO A 599 24.47 -13.64 -13.18
C PRO A 599 25.06 -12.92 -14.38
N LYS A 600 25.40 -13.63 -15.46
CA LYS A 600 26.06 -13.00 -16.59
C LYS A 600 25.21 -11.92 -17.25
N ALA A 601 23.91 -11.86 -16.94
CA ALA A 601 23.07 -10.74 -17.34
C ALA A 601 22.76 -9.80 -16.19
N LEU A 602 22.80 -10.29 -14.95
CA LEU A 602 22.56 -9.47 -13.77
C LEU A 602 23.81 -8.72 -13.32
N SER A 603 24.99 -9.27 -13.60
CA SER A 603 26.25 -8.66 -13.18
C SER A 603 26.50 -7.34 -13.90
N LYS A 604 25.64 -7.01 -14.87
CA LYS A 604 25.76 -5.72 -15.56
C LYS A 604 25.49 -4.57 -14.61
N GLN A 605 24.35 -4.58 -13.94
CA GLN A 605 24.02 -3.50 -13.01
C GLN A 605 24.86 -3.62 -11.74
N PRO A 606 25.47 -2.53 -11.27
CA PRO A 606 26.28 -2.62 -10.05
C PRO A 606 25.45 -2.94 -8.80
N LEU A 607 24.17 -2.61 -8.78
CA LEU A 607 23.32 -2.98 -7.65
C LEU A 607 23.29 -4.49 -7.47
N TRP A 608 23.31 -5.23 -8.57
CA TRP A 608 23.36 -6.69 -8.48
C TRP A 608 24.80 -7.17 -8.33
N ASN A 609 25.76 -6.43 -8.91
CA ASN A 609 27.16 -6.79 -8.75
C ASN A 609 27.56 -6.76 -7.27
N HIS A 610 27.06 -5.78 -6.53
CA HIS A 610 27.28 -5.78 -5.08
C HIS A 610 26.45 -6.86 -4.40
N LEU A 611 25.32 -7.23 -5.01
CA LEU A 611 24.51 -8.32 -4.46
C LEU A 611 25.18 -9.66 -4.70
N LEU A 612 25.49 -9.97 -5.96
CA LEU A 612 26.09 -11.26 -6.29
C LEU A 612 27.41 -11.47 -5.57
N ASN A 613 28.32 -10.50 -5.66
CA ASN A 613 29.61 -10.61 -4.98
C ASN A 613 29.46 -10.77 -3.47
N TYR A 614 28.35 -10.27 -2.89
CA TYR A 614 28.11 -10.50 -1.47
C TYR A 614 27.73 -11.94 -1.20
N TYR A 615 26.84 -12.50 -2.03
CA TYR A 615 26.48 -13.91 -1.88
C TYR A 615 27.69 -14.80 -2.10
N LYS A 616 28.65 -14.35 -2.93
CA LYS A 616 29.91 -15.06 -3.04
C LYS A 616 30.81 -14.79 -1.84
N GLU A 617 30.83 -13.53 -1.37
CA GLU A 617 31.58 -13.20 -0.17
C GLU A 617 31.09 -14.00 1.03
N GLN A 618 29.77 -14.14 1.18
CA GLN A 618 29.19 -14.99 2.21
C GLN A 618 29.15 -16.46 1.79
N LYS A 619 29.63 -16.77 0.57
CA LYS A 619 29.67 -18.15 0.07
C LYS A 619 28.29 -18.79 0.05
N VAL A 620 27.33 -18.11 -0.57
CA VAL A 620 26.00 -18.65 -0.77
C VAL A 620 25.54 -18.49 -2.22
N LEU A 621 26.46 -18.15 -3.13
CA LEU A 621 26.18 -18.17 -4.56
C LEU A 621 26.20 -19.63 -5.01
N VAL A 622 25.03 -20.26 -4.95
CA VAL A 622 24.96 -21.71 -5.08
C VAL A 622 24.42 -22.11 -6.45
N GLU A 623 25.10 -23.10 -7.03
CA GLU A 623 24.78 -23.69 -8.33
C GLU A 623 24.80 -25.22 -8.19
N GLY A 624 24.16 -25.92 -9.12
CA GLY A 624 24.08 -27.35 -9.06
C GLY A 624 22.70 -27.88 -8.71
N PRO A 625 22.63 -29.15 -8.30
CA PRO A 625 21.32 -29.76 -8.03
C PRO A 625 20.69 -29.22 -6.77
N LEU A 626 19.38 -29.44 -6.64
CA LEU A 626 18.66 -28.93 -5.47
C LEU A 626 18.85 -29.86 -4.27
N ASN A 627 18.84 -31.17 -4.50
CA ASN A 627 18.98 -32.12 -3.40
C ASN A 627 20.35 -32.00 -2.73
N ASN A 628 21.40 -31.81 -3.54
CA ASN A 628 22.78 -31.69 -3.02
C ASN A 628 23.39 -30.42 -3.61
N LEU A 629 22.94 -29.27 -3.11
CA LEU A 629 23.43 -27.99 -3.60
C LEU A 629 24.92 -27.84 -3.33
N ARG A 630 25.65 -27.35 -4.33
CA ARG A 630 27.10 -27.19 -4.27
C ARG A 630 27.46 -25.72 -4.34
N GLU A 631 28.50 -25.33 -3.61
CA GLU A 631 28.99 -23.97 -3.68
C GLU A 631 29.82 -23.78 -4.94
N SER A 632 29.24 -23.09 -5.92
CA SER A 632 29.88 -22.92 -7.22
C SER A 632 30.07 -21.43 -7.49
N LEU A 633 30.65 -21.14 -8.65
CA LEU A 633 30.86 -19.76 -9.08
C LEU A 633 29.97 -19.42 -10.26
#